data_6IAZ
#
_entry.id   6IAZ
#
_cell.length_a   63.350
_cell.length_b   63.350
_cell.length_c   250.060
_cell.angle_alpha   90.00
_cell.angle_beta   90.00
_cell.angle_gamma   90.00
#
_symmetry.space_group_name_H-M   'P 41 21 2'
#
loop_
_entity.id
_entity.type
_entity.pdbx_description
1 polymer 'Histone acetyltransferase, ELP3 family'
2 non-polymer 'SULFATE ION'
3 water water
#
_entity_poly.entity_id   1
_entity_poly.type   'polypeptide(L)'
_entity_poly.pdbx_seq_one_letter_code
;GAMASNSEILKYATEEEKKILIPILRKKPVRTISGVAVVAVMTSPAKCPHGKCIFCPGGLDSVFGDVPQSYTGREPATMR
GLMFNFDPYLQTRARIEQLEKVGHPTDKIELIIMGGTFPAREIEYQDWFIKRCLDAMNERESKSLEEAQKINETAKHRCV
ALCIETRPDYCSEKEINQMLKLGATRVELGVQSIYNEILKLCKRGHSVEDTIKATQLLKDSGLKVSYHLMPGMPGSSIEM
DKKMFKEIFTNPDFMPDMVKIYPCLVIEGTELYEMWKRGEFKPYREEEAIEVISYAKSIMPKWVRTSRIQRDIPATVIVD
GVKKSNLGELVYKYMEKKGLRCRCIRCREVGHVYYKKGILPDPEHIKLVREDYEASGGTEIFLSFEDVKNDILIAFLRLR
DPYKPFRKEIDDKTMLVRQLHVFGWEKALTRDIKEVSWQHMGYGRMLMKEAERIAKEEFGKKKILVTSGIGVREYYRKLG
YKRVGAYMGKEL
;
_entity_poly.pdbx_strand_id   A
#
# COMPACT_ATOMS: atom_id res chain seq x y z
N THR A 32 -7.91 5.05 -16.03
CA THR A 32 -7.09 6.25 -16.13
C THR A 32 -5.62 5.92 -15.94
N ILE A 33 -4.75 6.61 -16.68
CA ILE A 33 -3.32 6.33 -16.69
C ILE A 33 -2.65 7.12 -15.57
N SER A 34 -1.86 6.43 -14.76
CA SER A 34 -1.11 7.04 -13.68
C SER A 34 0.34 7.29 -14.08
N GLY A 35 1.00 8.18 -13.34
CA GLY A 35 2.41 8.44 -13.57
C GLY A 35 3.34 7.36 -13.08
N VAL A 36 2.86 6.51 -12.16
CA VAL A 36 3.62 5.39 -11.65
C VAL A 36 3.09 4.11 -12.30
N ALA A 37 4.00 3.32 -12.87
CA ALA A 37 3.64 2.05 -13.48
C ALA A 37 3.70 0.97 -12.42
N VAL A 38 2.65 0.18 -12.32
CA VAL A 38 2.62 -0.93 -11.37
C VAL A 38 3.09 -2.18 -12.10
N VAL A 39 4.14 -2.80 -11.60
CA VAL A 39 4.74 -3.99 -12.18
C VAL A 39 4.61 -5.07 -11.11
N ALA A 40 3.65 -5.95 -11.26
CA ALA A 40 3.39 -7.02 -10.32
C ALA A 40 3.94 -8.32 -10.88
N VAL A 41 4.76 -9.01 -10.09
CA VAL A 41 5.43 -10.24 -10.53
C VAL A 41 5.14 -11.35 -9.54
N MET A 42 5.28 -12.59 -10.02
CA MET A 42 4.96 -13.79 -9.25
C MET A 42 6.22 -14.60 -8.96
N THR A 43 6.33 -15.09 -7.73
CA THR A 43 7.44 -15.91 -7.31
C THR A 43 7.16 -17.38 -7.57
N SER A 44 8.23 -18.18 -7.54
CA SER A 44 8.11 -19.60 -7.83
C SER A 44 7.32 -20.32 -6.75
N PRO A 45 6.59 -21.39 -7.12
CA PRO A 45 5.96 -22.29 -6.14
C PRO A 45 6.92 -22.79 -5.07
N GLY A 81 3.26 -14.75 -15.73
CA GLY A 81 3.74 -15.60 -14.65
C GLY A 81 4.01 -17.01 -15.15
N LEU A 82 2.94 -17.78 -15.32
CA LEU A 82 3.08 -19.13 -15.87
C LEU A 82 3.81 -19.09 -17.21
N MET A 83 3.55 -18.07 -18.02
CA MET A 83 4.10 -18.02 -19.37
C MET A 83 5.61 -17.89 -19.35
N PHE A 84 6.17 -17.14 -18.39
CA PHE A 84 7.60 -16.93 -18.29
C PHE A 84 8.26 -17.80 -17.23
N ASN A 85 7.58 -18.88 -16.80
CA ASN A 85 8.13 -19.80 -15.82
C ASN A 85 8.66 -19.05 -14.59
N PHE A 86 7.97 -17.97 -14.24
CA PHE A 86 8.22 -17.21 -13.01
C PHE A 86 9.59 -16.56 -13.00
N ASP A 87 10.16 -16.32 -14.17
CA ASP A 87 11.44 -15.63 -14.27
C ASP A 87 11.25 -14.18 -13.85
N PRO A 88 11.99 -13.68 -12.84
CA PRO A 88 11.77 -12.31 -12.41
C PRO A 88 12.09 -11.28 -13.47
N TYR A 89 13.17 -11.49 -14.22
CA TYR A 89 13.55 -10.53 -15.24
C TYR A 89 12.51 -10.49 -16.35
N LEU A 90 12.11 -11.67 -16.85
CA LEU A 90 11.20 -11.72 -17.99
C LEU A 90 9.84 -11.13 -17.62
N GLN A 91 9.36 -11.41 -16.41
CA GLN A 91 8.08 -10.85 -15.98
C GLN A 91 8.15 -9.33 -15.91
N THR A 92 9.21 -8.81 -15.29
CA THR A 92 9.38 -7.37 -15.16
C THR A 92 9.53 -6.70 -16.52
N ARG A 93 10.41 -7.24 -17.37
CA ARG A 93 10.61 -6.69 -18.70
C ARG A 93 9.32 -6.71 -19.51
N ALA A 94 8.62 -7.86 -19.51
CA ALA A 94 7.43 -7.98 -20.35
C ALA A 94 6.37 -6.98 -19.93
N ARG A 95 6.20 -6.77 -18.63
CA ARG A 95 5.21 -5.81 -18.15
C ARG A 95 5.59 -4.39 -18.58
N ILE A 96 6.87 -4.03 -18.43
CA ILE A 96 7.32 -2.69 -18.84
C ILE A 96 7.05 -2.47 -20.32
N GLU A 97 7.46 -3.44 -21.16
N GLU A 97 7.44 -3.44 -21.16
CA GLU A 97 7.21 -3.32 -22.60
CA GLU A 97 7.21 -3.28 -22.59
C GLU A 97 5.72 -3.19 -22.88
C GLU A 97 5.72 -3.20 -22.91
N GLN A 98 4.92 -4.01 -22.22
CA GLN A 98 3.47 -3.97 -22.43
C GLN A 98 2.91 -2.60 -22.08
N LEU A 99 3.42 -1.98 -21.00
CA LEU A 99 2.96 -0.64 -20.66
C LEU A 99 3.46 0.39 -21.65
N GLU A 100 4.70 0.26 -22.11
CA GLU A 100 5.21 1.18 -23.12
C GLU A 100 4.41 1.05 -24.42
N LYS A 101 3.86 -0.12 -24.70
CA LYS A 101 3.07 -0.30 -25.92
C LYS A 101 1.86 0.62 -25.94
N VAL A 102 1.20 0.79 -24.79
CA VAL A 102 0.00 1.61 -24.71
C VAL A 102 0.30 3.01 -24.19
N GLY A 103 1.54 3.47 -24.34
CA GLY A 103 1.88 4.84 -24.01
C GLY A 103 1.73 5.18 -22.54
N HIS A 104 1.86 4.20 -21.67
CA HIS A 104 1.87 4.51 -20.25
C HIS A 104 3.30 4.81 -19.81
N PRO A 105 3.52 5.84 -18.99
CA PRO A 105 4.89 6.13 -18.54
C PRO A 105 5.41 4.99 -17.67
N THR A 106 6.70 4.68 -17.87
CA THR A 106 7.36 3.63 -17.09
C THR A 106 8.65 4.14 -16.46
N ASP A 107 8.81 5.44 -16.33
CA ASP A 107 10.01 5.95 -15.66
C ASP A 107 9.94 5.78 -14.15
N LYS A 108 8.75 5.64 -13.58
CA LYS A 108 8.58 5.37 -12.16
C LYS A 108 7.82 4.07 -11.99
N ILE A 109 8.37 3.13 -11.22
CA ILE A 109 7.79 1.79 -11.12
C ILE A 109 7.57 1.43 -9.67
N GLU A 110 6.35 0.97 -9.38
CA GLU A 110 6.02 0.28 -8.13
C GLU A 110 6.10 -1.21 -8.43
N LEU A 111 7.07 -1.89 -7.81
CA LEU A 111 7.23 -3.32 -7.96
C LEU A 111 6.50 -4.04 -6.83
N ILE A 112 5.66 -4.99 -7.21
CA ILE A 112 4.83 -5.73 -6.26
C ILE A 112 5.21 -7.19 -6.36
N ILE A 113 5.68 -7.75 -5.25
CA ILE A 113 6.09 -9.16 -5.19
C ILE A 113 4.88 -9.93 -4.68
N MET A 114 4.28 -10.74 -5.54
CA MET A 114 3.06 -11.45 -5.19
C MET A 114 3.37 -12.89 -4.78
N GLY A 115 2.54 -13.41 -3.88
CA GLY A 115 2.67 -14.79 -3.44
C GLY A 115 2.41 -14.95 -1.96
N GLY A 116 2.91 -14.00 -1.16
CA GLY A 116 2.75 -14.08 0.29
C GLY A 116 3.72 -14.99 1.01
N THR A 117 4.49 -15.81 0.29
CA THR A 117 5.49 -16.67 0.91
C THR A 117 6.91 -16.19 0.66
N PHE A 118 7.08 -15.09 -0.05
CA PHE A 118 8.42 -14.61 -0.41
C PHE A 118 9.32 -14.44 0.81
N PRO A 119 8.88 -13.82 1.90
CA PRO A 119 9.77 -13.69 3.07
C PRO A 119 10.17 -15.03 3.69
N ALA A 120 9.46 -16.11 3.40
CA ALA A 120 9.82 -17.42 3.94
C ALA A 120 10.77 -18.18 3.01
N ARG A 121 11.06 -17.64 1.84
CA ARG A 121 12.01 -18.29 0.93
C ARG A 121 13.45 -18.04 1.39
N GLU A 122 14.35 -18.89 0.90
CA GLU A 122 15.77 -18.69 1.15
C GLU A 122 16.18 -17.27 0.78
N ILE A 123 17.06 -16.67 1.58
CA ILE A 123 17.51 -15.31 1.30
C ILE A 123 18.20 -15.24 -0.06
N GLU A 124 18.93 -16.30 -0.43
CA GLU A 124 19.55 -16.34 -1.74
C GLU A 124 18.52 -16.13 -2.84
N TYR A 125 17.37 -16.80 -2.73
CA TYR A 125 16.32 -16.63 -3.73
C TYR A 125 15.76 -15.22 -3.70
N GLN A 126 15.48 -14.67 -2.52
CA GLN A 126 14.90 -13.34 -2.45
C GLN A 126 15.83 -12.30 -3.07
N ASP A 127 17.11 -12.33 -2.68
CA ASP A 127 18.07 -11.37 -3.19
C ASP A 127 18.16 -11.45 -4.70
N TRP A 128 18.28 -12.67 -5.22
CA TRP A 128 18.39 -12.87 -6.66
C TRP A 128 17.13 -12.39 -7.37
N PHE A 129 15.96 -12.72 -6.82
CA PHE A 129 14.71 -12.36 -7.48
C PHE A 129 14.58 -10.85 -7.63
N ILE A 130 14.86 -10.10 -6.55
CA ILE A 130 14.76 -8.66 -6.62
C ILE A 130 15.84 -8.08 -7.52
N LYS A 131 17.05 -8.66 -7.47
CA LYS A 131 18.13 -8.21 -8.33
C LYS A 131 17.71 -8.27 -9.79
N ARG A 132 17.12 -9.39 -10.19
CA ARG A 132 16.75 -9.58 -11.58
C ARG A 132 15.62 -8.65 -12.00
N CYS A 133 14.64 -8.39 -11.11
CA CYS A 133 13.63 -7.37 -11.40
C CYS A 133 14.31 -6.02 -11.67
N LEU A 134 15.24 -5.63 -10.81
CA LEU A 134 15.97 -4.38 -11.01
C LEU A 134 16.83 -4.44 -12.27
N ASP A 135 17.42 -5.60 -12.55
CA ASP A 135 18.16 -5.76 -13.80
C ASP A 135 17.28 -5.41 -15.00
N ALA A 136 16.02 -5.88 -14.98
CA ALA A 136 15.12 -5.59 -16.11
C ALA A 136 14.80 -4.11 -16.20
N MET A 137 14.68 -3.44 -15.06
CA MET A 137 14.44 -2.02 -15.05
C MET A 137 15.66 -1.26 -15.51
N ASN A 138 16.85 -1.69 -15.04
CA ASN A 138 18.10 -1.05 -15.39
C ASN A 138 18.49 -1.31 -16.85
N GLU A 139 17.97 -2.38 -17.45
CA GLU A 139 18.36 -2.80 -18.80
C GLU A 139 19.85 -3.10 -18.88
N ARG A 140 20.37 -3.77 -17.85
CA ARG A 140 21.74 -4.27 -17.87
C ARG A 140 21.95 -5.24 -16.72
N GLU A 141 22.90 -6.14 -16.89
CA GLU A 141 23.23 -7.10 -15.86
C GLU A 141 23.94 -6.42 -14.71
N SER A 142 23.89 -7.05 -13.54
CA SER A 142 24.59 -6.57 -12.37
C SER A 142 25.27 -7.74 -11.68
N LYS A 143 26.31 -7.42 -10.91
CA LYS A 143 27.05 -8.43 -10.17
C LYS A 143 26.33 -8.86 -8.89
N SER A 144 25.42 -8.03 -8.38
CA SER A 144 24.85 -8.28 -7.06
C SER A 144 23.63 -7.41 -6.85
N LEU A 145 22.78 -7.81 -5.88
CA LEU A 145 21.63 -7.02 -5.51
C LEU A 145 22.01 -5.57 -5.27
N GLU A 146 23.02 -5.34 -4.44
CA GLU A 146 23.41 -3.98 -4.07
C GLU A 146 23.82 -3.16 -5.30
N GLU A 147 24.47 -3.79 -6.28
CA GLU A 147 24.85 -3.03 -7.47
C GLU A 147 23.62 -2.70 -8.30
N ALA A 148 22.71 -3.66 -8.49
CA ALA A 148 21.45 -3.41 -9.19
C ALA A 148 20.70 -2.26 -8.55
N GLN A 149 20.72 -2.18 -7.21
CA GLN A 149 20.04 -1.10 -6.51
C GLN A 149 20.72 0.23 -6.79
N LYS A 150 22.05 0.27 -6.74
CA LYS A 150 22.76 1.52 -7.00
C LYS A 150 22.51 1.99 -8.42
N ILE A 151 22.62 1.08 -9.39
CA ILE A 151 22.34 1.42 -10.77
C ILE A 151 20.94 1.99 -10.90
N ASN A 152 19.96 1.37 -10.24
CA ASN A 152 18.58 1.77 -10.41
C ASN A 152 18.31 3.18 -9.91
N GLU A 153 19.15 3.69 -8.99
CA GLU A 153 18.92 5.01 -8.43
C GLU A 153 18.88 6.08 -9.50
N THR A 154 19.49 5.84 -10.67
CA THR A 154 19.54 6.81 -11.74
C THR A 154 19.13 6.21 -13.09
N ALA A 155 18.41 5.08 -13.08
CA ALA A 155 18.04 4.39 -14.30
C ALA A 155 16.88 5.09 -15.03
N LYS A 156 16.59 4.61 -16.23
CA LYS A 156 15.43 5.12 -16.96
C LYS A 156 14.14 4.66 -16.33
N HIS A 157 14.11 3.44 -15.79
CA HIS A 157 12.94 2.88 -15.12
C HIS A 157 13.32 2.73 -13.65
N ARG A 158 12.92 3.70 -12.83
CA ARG A 158 13.32 3.70 -11.43
C ARG A 158 12.29 3.00 -10.55
N CYS A 159 12.78 2.18 -9.62
CA CYS A 159 11.92 1.51 -8.64
C CYS A 159 11.67 2.50 -7.50
N VAL A 160 10.51 3.18 -7.56
CA VAL A 160 10.18 4.16 -6.54
C VAL A 160 9.47 3.55 -5.34
N ALA A 161 8.98 2.33 -5.47
CA ALA A 161 8.29 1.66 -4.38
C ALA A 161 8.40 0.16 -4.61
N LEU A 162 8.50 -0.58 -3.51
CA LEU A 162 8.57 -2.04 -3.57
C LEU A 162 7.67 -2.59 -2.48
N CYS A 163 6.63 -3.31 -2.88
CA CYS A 163 5.67 -3.87 -1.94
C CYS A 163 5.84 -5.38 -1.90
N ILE A 164 5.93 -5.93 -0.69
CA ILE A 164 6.05 -7.37 -0.48
C ILE A 164 4.80 -7.83 0.26
N GLU A 165 4.13 -8.84 -0.28
CA GLU A 165 2.99 -9.46 0.37
C GLU A 165 3.49 -10.60 1.24
N THR A 166 2.94 -10.71 2.46
CA THR A 166 3.37 -11.76 3.36
C THR A 166 2.26 -12.15 4.32
N ARG A 167 2.35 -13.39 4.80
CA ARG A 167 1.51 -13.82 5.91
C ARG A 167 1.97 -13.13 7.18
N PRO A 168 1.05 -12.83 8.10
CA PRO A 168 1.44 -12.08 9.31
C PRO A 168 2.38 -12.83 10.25
N ASP A 169 2.46 -14.16 10.17
CA ASP A 169 3.41 -14.88 11.01
C ASP A 169 4.78 -15.00 10.35
N TYR A 170 4.91 -14.62 9.08
CA TYR A 170 6.21 -14.49 8.41
C TYR A 170 6.68 -13.05 8.40
N CYS A 171 6.60 -12.36 9.54
CA CYS A 171 6.95 -10.95 9.61
C CYS A 171 7.73 -10.66 10.90
N SER A 172 8.79 -11.42 11.12
CA SER A 172 9.67 -11.25 12.27
C SER A 172 10.62 -10.09 12.06
N GLU A 173 11.37 -9.75 13.12
CA GLU A 173 12.42 -8.74 12.96
C GLU A 173 13.40 -9.16 11.88
N LYS A 174 13.83 -10.42 11.91
CA LYS A 174 14.80 -10.91 10.92
C LYS A 174 14.27 -10.71 9.51
N GLU A 175 13.01 -11.09 9.28
CA GLU A 175 12.42 -10.92 7.95
C GLU A 175 12.29 -9.45 7.58
N ILE A 176 11.99 -8.58 8.57
CA ILE A 176 11.86 -7.16 8.27
C ILE A 176 13.22 -6.59 7.86
N ASN A 177 14.28 -6.97 8.57
CA ASN A 177 15.62 -6.58 8.17
C ASN A 177 15.87 -6.95 6.72
N GLN A 178 15.54 -8.18 6.35
CA GLN A 178 15.76 -8.65 4.98
C GLN A 178 14.94 -7.82 4.00
N MET A 179 13.68 -7.54 4.33
CA MET A 179 12.84 -6.75 3.43
C MET A 179 13.40 -5.35 3.24
N LEU A 180 13.89 -4.73 4.31
CA LEU A 180 14.57 -3.45 4.18
C LEU A 180 15.82 -3.56 3.29
N LYS A 181 16.60 -4.63 3.46
CA LYS A 181 17.77 -4.83 2.61
C LYS A 181 17.36 -4.85 1.14
N LEU A 182 16.21 -5.44 0.83
CA LEU A 182 15.75 -5.54 -0.55
C LEU A 182 15.27 -4.21 -1.13
N GLY A 183 15.04 -3.20 -0.29
CA GLY A 183 14.47 -1.94 -0.72
C GLY A 183 12.98 -1.82 -0.52
N ALA A 184 12.39 -2.65 0.32
CA ALA A 184 10.95 -2.62 0.49
C ALA A 184 10.51 -1.32 1.13
N THR A 185 9.40 -0.78 0.62
CA THR A 185 8.76 0.39 1.21
C THR A 185 7.36 0.10 1.74
N ARG A 186 6.73 -0.99 1.32
CA ARG A 186 5.38 -1.34 1.79
C ARG A 186 5.30 -2.84 2.01
N VAL A 187 4.57 -3.23 3.05
CA VAL A 187 4.32 -4.62 3.37
C VAL A 187 2.81 -4.82 3.49
N GLU A 188 2.29 -5.80 2.78
CA GLU A 188 0.88 -6.15 2.80
C GLU A 188 0.72 -7.44 3.57
N LEU A 189 0.06 -7.38 4.71
CA LEU A 189 -0.19 -8.54 5.54
C LEU A 189 -1.48 -9.22 5.09
N GLY A 190 -1.41 -10.54 4.92
CA GLY A 190 -2.61 -11.31 4.70
C GLY A 190 -3.43 -11.49 5.97
N VAL A 191 -4.08 -10.42 6.44
CA VAL A 191 -4.81 -10.48 7.69
C VAL A 191 -6.08 -11.32 7.53
N GLN A 192 -6.88 -11.01 6.49
CA GLN A 192 -8.13 -11.68 6.19
C GLN A 192 -9.19 -11.33 7.22
N SER A 193 -8.96 -11.70 8.49
CA SER A 193 -9.87 -11.42 9.59
C SER A 193 -9.09 -11.09 10.86
N ILE A 194 -9.69 -10.27 11.72
CA ILE A 194 -9.10 -9.96 13.01
C ILE A 194 -9.67 -10.84 14.12
N TYR A 195 -10.49 -11.83 13.79
CA TYR A 195 -11.13 -12.68 14.79
C TYR A 195 -10.51 -14.08 14.75
N ASN A 196 -9.94 -14.51 15.88
CA ASN A 196 -9.28 -15.80 15.92
C ASN A 196 -10.25 -16.95 15.68
N GLU A 197 -11.52 -16.81 16.09
CA GLU A 197 -12.51 -17.82 15.78
C GLU A 197 -12.59 -18.06 14.28
N ILE A 198 -12.69 -16.97 13.51
CA ILE A 198 -12.80 -17.08 12.05
C ILE A 198 -11.51 -17.65 11.46
N LEU A 199 -10.35 -17.19 11.95
CA LEU A 199 -9.07 -17.63 11.39
C LEU A 199 -8.87 -19.13 11.61
N LYS A 200 -9.14 -19.63 12.81
CA LYS A 200 -8.99 -21.05 13.08
C LYS A 200 -10.06 -21.88 12.37
N LEU A 201 -11.28 -21.34 12.27
CA LEU A 201 -12.36 -22.05 11.59
C LEU A 201 -12.02 -22.31 10.13
N CYS A 202 -11.33 -21.38 9.48
CA CYS A 202 -10.90 -21.57 8.10
C CYS A 202 -9.48 -22.13 7.99
N LYS A 203 -8.91 -22.55 9.11
CA LYS A 203 -7.58 -23.16 9.15
C LYS A 203 -6.53 -22.25 8.51
N ARG A 204 -6.58 -20.97 8.88
CA ARG A 204 -5.54 -20.02 8.51
C ARG A 204 -4.33 -20.22 9.42
N GLY A 205 -3.17 -19.81 8.93
CA GLY A 205 -1.92 -20.11 9.61
C GLY A 205 -1.38 -18.98 10.46
N HIS A 206 -2.26 -18.08 10.90
CA HIS A 206 -1.83 -16.95 11.72
C HIS A 206 -2.96 -16.52 12.64
N SER A 207 -2.61 -15.71 13.62
CA SER A 207 -3.53 -15.19 14.61
C SER A 207 -3.68 -13.69 14.45
N VAL A 208 -4.63 -13.10 15.18
CA VAL A 208 -4.69 -11.65 15.18
C VAL A 208 -3.50 -11.10 15.95
N GLU A 209 -3.01 -11.84 16.95
CA GLU A 209 -1.82 -11.41 17.67
C GLU A 209 -0.64 -11.27 16.73
N ASP A 210 -0.46 -12.22 15.80
CA ASP A 210 0.56 -12.07 14.77
C ASP A 210 0.38 -10.77 14.00
N THR A 211 -0.85 -10.49 13.58
CA THR A 211 -1.13 -9.27 12.80
C THR A 211 -0.78 -8.03 13.61
N ILE A 212 -1.13 -8.03 14.90
CA ILE A 212 -0.88 -6.86 15.73
C ILE A 212 0.63 -6.64 15.90
N LYS A 213 1.37 -7.70 16.21
CA LYS A 213 2.81 -7.58 16.42
C LYS A 213 3.51 -7.21 15.11
N ALA A 214 3.19 -7.89 14.03
CA ALA A 214 3.73 -7.53 12.72
C ALA A 214 3.50 -6.06 12.43
N THR A 215 2.27 -5.57 12.67
CA THR A 215 1.97 -4.18 12.39
C THR A 215 2.89 -3.24 13.18
N GLN A 216 3.07 -3.50 14.47
CA GLN A 216 3.93 -2.66 15.28
C GLN A 216 5.37 -2.68 14.77
N LEU A 217 5.92 -3.87 14.54
CA LEU A 217 7.31 -3.95 14.09
C LEU A 217 7.51 -3.24 12.75
N LEU A 218 6.53 -3.33 11.86
CA LEU A 218 6.62 -2.66 10.56
C LEU A 218 6.58 -1.15 10.73
N LYS A 219 5.62 -0.65 11.53
CA LYS A 219 5.48 0.78 11.75
C LYS A 219 6.74 1.36 12.40
N ASP A 220 7.28 0.65 13.40
CA ASP A 220 8.47 1.11 14.09
C ASP A 220 9.76 0.87 13.29
N SER A 221 9.66 0.26 12.12
CA SER A 221 10.75 0.23 11.14
C SER A 221 10.49 1.17 9.96
N GLY A 222 9.48 2.00 10.04
CA GLY A 222 9.23 3.04 9.05
C GLY A 222 8.50 2.61 7.81
N LEU A 223 7.99 1.40 7.76
CA LEU A 223 7.36 0.85 6.56
C LEU A 223 5.88 1.17 6.50
N LYS A 224 5.36 1.24 5.28
CA LYS A 224 3.92 1.34 5.07
C LYS A 224 3.30 -0.03 5.28
N VAL A 225 2.09 -0.03 5.84
CA VAL A 225 1.41 -1.27 6.23
C VAL A 225 0.05 -1.33 5.54
N SER A 226 -0.17 -2.42 4.81
CA SER A 226 -1.44 -2.70 4.15
C SER A 226 -2.04 -3.98 4.71
N TYR A 227 -3.36 -4.00 4.88
CA TYR A 227 -4.07 -5.19 5.29
C TYR A 227 -4.91 -5.70 4.13
N HIS A 228 -4.71 -6.96 3.75
CA HIS A 228 -5.69 -7.65 2.92
C HIS A 228 -6.78 -8.19 3.83
N LEU A 229 -8.03 -7.82 3.57
CA LEU A 229 -9.17 -8.20 4.40
C LEU A 229 -10.27 -8.81 3.57
N MET A 230 -10.98 -9.79 4.15
CA MET A 230 -11.97 -10.57 3.42
C MET A 230 -13.29 -10.59 4.17
N PRO A 231 -14.21 -9.69 3.83
CA PRO A 231 -15.58 -9.80 4.36
C PRO A 231 -16.19 -11.13 3.95
N GLY A 232 -17.08 -11.64 4.81
CA GLY A 232 -17.89 -12.78 4.43
C GLY A 232 -17.20 -14.12 4.56
N MET A 233 -16.19 -14.23 5.41
CA MET A 233 -15.56 -15.51 5.67
C MET A 233 -16.49 -16.40 6.47
N PRO A 234 -16.23 -17.71 6.47
CA PRO A 234 -17.02 -18.62 7.31
C PRO A 234 -17.04 -18.18 8.75
N GLY A 235 -18.22 -18.23 9.36
CA GLY A 235 -18.38 -17.87 10.75
C GLY A 235 -18.64 -16.40 10.99
N SER A 236 -18.54 -15.58 9.95
CA SER A 236 -18.70 -14.15 10.11
C SER A 236 -20.15 -13.77 9.83
N SER A 237 -20.43 -12.47 9.89
CA SER A 237 -21.76 -11.94 9.60
C SER A 237 -21.58 -10.50 9.10
N ILE A 238 -22.67 -9.94 8.59
CA ILE A 238 -22.63 -8.55 8.15
C ILE A 238 -22.22 -7.65 9.31
N GLU A 239 -22.89 -7.79 10.45
CA GLU A 239 -22.57 -6.93 11.59
C GLU A 239 -21.17 -7.18 12.12
N MET A 240 -20.72 -8.44 12.13
CA MET A 240 -19.37 -8.73 12.59
C MET A 240 -18.33 -8.10 11.67
N ASP A 241 -18.56 -8.14 10.35
CA ASP A 241 -17.63 -7.52 9.42
C ASP A 241 -17.57 -6.01 9.63
N LYS A 242 -18.73 -5.37 9.80
CA LYS A 242 -18.75 -3.94 10.04
C LYS A 242 -17.96 -3.60 11.30
N LYS A 243 -18.14 -4.38 12.36
CA LYS A 243 -17.40 -4.13 13.59
C LYS A 243 -15.91 -4.27 13.35
N MET A 244 -15.51 -5.25 12.53
CA MET A 244 -14.10 -5.42 12.21
C MET A 244 -13.52 -4.16 11.59
N PHE A 245 -14.21 -3.58 10.59
CA PHE A 245 -13.69 -2.38 9.97
C PHE A 245 -13.65 -1.22 10.95
N LYS A 246 -14.72 -1.01 11.71
CA LYS A 246 -14.66 0.02 12.75
C LYS A 246 -13.46 -0.20 13.67
N GLU A 247 -13.25 -1.44 14.11
CA GLU A 247 -12.14 -1.71 15.03
C GLU A 247 -10.79 -1.45 14.39
N ILE A 248 -10.64 -1.76 13.10
CA ILE A 248 -9.35 -1.61 12.45
C ILE A 248 -8.93 -0.14 12.38
N PHE A 249 -9.88 0.79 12.36
CA PHE A 249 -9.56 2.21 12.25
C PHE A 249 -9.69 2.98 13.55
N THR A 250 -10.04 2.33 14.68
CA THR A 250 -10.19 3.02 15.95
C THR A 250 -9.58 2.27 17.13
N ASN A 251 -8.84 1.18 16.90
CA ASN A 251 -8.12 0.43 17.93
C ASN A 251 -6.64 0.53 17.57
N PRO A 252 -5.80 1.10 18.43
CA PRO A 252 -4.42 1.42 18.00
C PRO A 252 -3.58 0.19 17.65
N ASP A 253 -4.03 -1.01 18.04
CA ASP A 253 -3.35 -2.23 17.65
C ASP A 253 -3.32 -2.42 16.13
N PHE A 254 -4.21 -1.75 15.39
CA PHE A 254 -4.34 -1.96 13.97
C PHE A 254 -3.93 -0.66 13.24
N MET A 255 -4.89 0.16 12.81
CA MET A 255 -4.57 1.43 12.16
C MET A 255 -3.65 1.26 10.95
N PRO A 256 -4.00 0.39 10.01
CA PRO A 256 -3.20 0.23 8.80
C PRO A 256 -3.22 1.51 7.96
N ASP A 257 -2.17 1.65 7.14
CA ASP A 257 -2.15 2.76 6.18
C ASP A 257 -3.08 2.50 5.01
N MET A 258 -3.22 1.25 4.57
CA MET A 258 -4.08 0.97 3.44
C MET A 258 -4.69 -0.40 3.66
N VAL A 259 -5.81 -0.62 2.98
CA VAL A 259 -6.51 -1.90 3.05
C VAL A 259 -6.91 -2.31 1.63
N LYS A 260 -6.88 -3.62 1.40
CA LYS A 260 -7.34 -4.24 0.16
C LYS A 260 -8.49 -5.17 0.54
N ILE A 261 -9.69 -4.88 0.04
CA ILE A 261 -10.90 -5.55 0.49
C ILE A 261 -11.53 -6.29 -0.68
N TYR A 262 -11.87 -7.56 -0.48
CA TYR A 262 -12.71 -8.25 -1.46
C TYR A 262 -13.43 -9.38 -0.75
N PRO A 263 -14.73 -9.59 -1.00
CA PRO A 263 -15.46 -10.64 -0.28
C PRO A 263 -14.82 -12.00 -0.48
N CYS A 264 -14.99 -12.87 0.52
CA CYS A 264 -14.51 -14.25 0.46
C CYS A 264 -15.25 -15.00 -0.65
N LEU A 265 -14.48 -15.72 -1.47
CA LEU A 265 -15.02 -16.46 -2.60
C LEU A 265 -14.79 -17.97 -2.41
N VAL A 266 -15.53 -18.76 -3.18
CA VAL A 266 -15.36 -20.21 -3.20
C VAL A 266 -14.64 -20.58 -4.49
N ILE A 267 -13.37 -20.98 -4.38
CA ILE A 267 -12.58 -21.44 -5.51
C ILE A 267 -12.29 -22.92 -5.32
N GLU A 268 -12.51 -23.71 -6.37
CA GLU A 268 -12.23 -25.13 -6.29
C GLU A 268 -10.80 -25.38 -5.85
N GLY A 269 -10.59 -26.48 -5.12
CA GLY A 269 -9.27 -26.87 -4.68
C GLY A 269 -8.77 -26.19 -3.43
N THR A 270 -9.59 -25.39 -2.76
CA THR A 270 -9.20 -24.72 -1.54
C THR A 270 -9.96 -25.31 -0.34
N GLU A 271 -9.50 -24.94 0.86
CA GLU A 271 -10.23 -25.32 2.06
C GLU A 271 -11.63 -24.74 2.05
N LEU A 272 -11.76 -23.47 1.68
CA LEU A 272 -13.08 -22.84 1.59
C LEU A 272 -14.01 -23.65 0.69
N TYR A 273 -13.46 -24.23 -0.39
CA TYR A 273 -14.29 -25.07 -1.25
C TYR A 273 -14.78 -26.29 -0.50
N GLU A 274 -13.90 -26.93 0.27
CA GLU A 274 -14.33 -28.08 1.08
C GLU A 274 -15.44 -27.69 2.03
N MET A 275 -15.25 -26.58 2.76
CA MET A 275 -16.29 -26.10 3.68
C MET A 275 -17.59 -25.84 2.94
N TRP A 276 -17.51 -25.19 1.76
CA TRP A 276 -18.72 -24.94 0.98
C TRP A 276 -19.43 -26.23 0.62
N LYS A 277 -18.68 -27.24 0.19
CA LYS A 277 -19.33 -28.48 -0.22
C LYS A 277 -20.02 -29.16 0.96
N ARG A 278 -19.47 -29.01 2.18
CA ARG A 278 -20.10 -29.61 3.35
C ARG A 278 -21.32 -28.82 3.86
N GLY A 279 -21.65 -27.69 3.24
CA GLY A 279 -22.73 -26.87 3.75
C GLY A 279 -22.35 -25.99 4.92
N GLU A 280 -21.06 -25.78 5.16
CA GLU A 280 -20.59 -24.96 6.25
C GLU A 280 -20.44 -23.49 5.89
N PHE A 281 -20.52 -23.14 4.61
CA PHE A 281 -20.14 -21.81 4.15
C PHE A 281 -21.01 -21.40 2.98
N LYS A 282 -21.78 -20.34 3.14
CA LYS A 282 -22.48 -19.69 2.05
C LYS A 282 -21.87 -18.30 1.86
N PRO A 283 -21.16 -18.03 0.77
CA PRO A 283 -20.49 -16.74 0.64
C PRO A 283 -21.46 -15.61 0.36
N TYR A 284 -21.00 -14.39 0.62
CA TYR A 284 -21.80 -13.20 0.33
C TYR A 284 -22.19 -13.20 -1.14
N ARG A 285 -23.41 -12.75 -1.42
CA ARG A 285 -23.78 -12.33 -2.75
C ARG A 285 -23.41 -10.86 -2.90
N GLU A 286 -23.79 -10.23 -4.02
CA GLU A 286 -23.41 -8.84 -4.24
C GLU A 286 -24.02 -7.92 -3.19
N GLU A 287 -25.27 -8.13 -2.83
CA GLU A 287 -25.96 -7.23 -1.91
C GLU A 287 -25.27 -7.19 -0.56
N GLU A 288 -24.84 -8.34 -0.04
CA GLU A 288 -24.13 -8.33 1.24
C GLU A 288 -22.78 -7.66 1.10
N ALA A 289 -22.02 -8.00 0.05
CA ALA A 289 -20.69 -7.40 -0.12
C ALA A 289 -20.80 -5.88 -0.23
N ILE A 290 -21.80 -5.39 -0.96
CA ILE A 290 -21.96 -3.95 -1.16
C ILE A 290 -22.30 -3.26 0.15
N GLU A 291 -23.14 -3.88 0.97
CA GLU A 291 -23.48 -3.29 2.26
C GLU A 291 -22.26 -3.14 3.14
N VAL A 292 -21.47 -4.21 3.27
CA VAL A 292 -20.30 -4.17 4.15
C VAL A 292 -19.27 -3.19 3.62
N ILE A 293 -18.95 -3.26 2.33
CA ILE A 293 -17.87 -2.43 1.81
C ILE A 293 -18.30 -0.96 1.81
N SER A 294 -19.56 -0.68 1.52
CA SER A 294 -20.07 0.68 1.61
C SER A 294 -19.95 1.22 3.03
N TYR A 295 -20.31 0.42 4.03
CA TYR A 295 -20.08 0.83 5.42
C TYR A 295 -18.61 1.10 5.69
N ALA A 296 -17.74 0.15 5.32
CA ALA A 296 -16.31 0.33 5.54
C ALA A 296 -15.82 1.63 4.93
N LYS A 297 -16.18 1.88 3.66
CA LYS A 297 -15.73 3.11 3.02
C LYS A 297 -16.30 4.35 3.70
N SER A 298 -17.51 4.24 4.28
CA SER A 298 -18.10 5.42 4.90
C SER A 298 -17.39 5.82 6.18
N ILE A 299 -16.68 4.88 6.84
CA ILE A 299 -15.97 5.20 8.08
C ILE A 299 -14.46 5.23 7.92
N MET A 300 -13.94 5.02 6.72
CA MET A 300 -12.47 4.98 6.56
C MET A 300 -11.84 6.33 6.84
N PRO A 301 -10.86 6.43 7.73
CA PRO A 301 -10.24 7.74 8.00
C PRO A 301 -9.62 8.35 6.74
N LYS A 302 -9.35 9.66 6.84
CA LYS A 302 -8.70 10.37 5.74
C LYS A 302 -7.28 9.88 5.47
N TRP A 303 -6.67 9.21 6.45
CA TRP A 303 -5.30 8.71 6.30
C TRP A 303 -5.21 7.28 5.80
N VAL A 304 -6.32 6.68 5.39
CA VAL A 304 -6.36 5.31 4.89
C VAL A 304 -6.48 5.36 3.38
N ARG A 305 -5.69 4.51 2.72
CA ARG A 305 -5.71 4.37 1.27
C ARG A 305 -6.34 3.02 0.95
N THR A 306 -7.24 3.00 -0.02
CA THR A 306 -7.91 1.77 -0.41
C THR A 306 -7.55 1.42 -1.83
N SER A 307 -7.57 0.12 -2.13
CA SER A 307 -7.37 -0.35 -3.49
C SER A 307 -8.68 -0.30 -4.27
N ARG A 308 -8.57 -0.09 -5.58
CA ARG A 308 -9.72 -0.29 -6.45
C ARG A 308 -10.33 -1.65 -6.16
N ILE A 309 -11.60 -1.67 -5.81
CA ILE A 309 -12.31 -2.92 -5.51
C ILE A 309 -12.38 -3.74 -6.80
N GLN A 310 -11.69 -4.87 -6.83
CA GLN A 310 -11.56 -5.67 -8.04
C GLN A 310 -11.01 -7.04 -7.66
N ARG A 311 -10.78 -7.86 -8.68
CA ARG A 311 -10.02 -9.09 -8.51
C ARG A 311 -9.50 -9.53 -9.88
N ASP A 312 -8.38 -10.24 -9.86
CA ASP A 312 -7.80 -10.84 -11.06
C ASP A 312 -8.18 -12.31 -11.20
N ILE A 313 -9.30 -12.70 -10.60
CA ILE A 313 -9.77 -14.08 -10.64
C ILE A 313 -10.95 -14.15 -11.63
N PRO A 314 -10.83 -14.91 -12.72
CA PRO A 314 -11.93 -14.95 -13.70
C PRO A 314 -13.18 -15.59 -13.10
N ALA A 315 -14.33 -15.15 -13.61
CA ALA A 315 -15.60 -15.61 -13.08
C ALA A 315 -15.87 -17.08 -13.37
N THR A 316 -15.15 -17.67 -14.31
CA THR A 316 -15.31 -19.09 -14.62
C THR A 316 -14.60 -20.00 -13.64
N VAL A 317 -13.93 -19.43 -12.64
CA VAL A 317 -13.32 -20.21 -11.58
C VAL A 317 -14.03 -20.00 -10.24
N ILE A 318 -14.83 -18.95 -10.10
CA ILE A 318 -15.61 -18.71 -8.89
C ILE A 318 -16.76 -19.72 -8.87
N VAL A 319 -16.68 -20.71 -7.97
CA VAL A 319 -17.78 -21.66 -7.81
C VAL A 319 -19.00 -20.95 -7.23
N ASP A 320 -18.78 -20.10 -6.23
CA ASP A 320 -19.86 -19.39 -5.55
C ASP A 320 -19.25 -18.12 -4.95
N GLY A 321 -20.08 -17.09 -4.86
CA GLY A 321 -19.64 -15.79 -4.40
C GLY A 321 -19.86 -14.73 -5.47
N VAL A 322 -19.40 -13.52 -5.15
CA VAL A 322 -19.57 -12.40 -6.07
C VAL A 322 -18.79 -12.69 -7.36
N LYS A 323 -19.52 -12.73 -8.48
CA LYS A 323 -18.90 -12.96 -9.78
C LYS A 323 -18.79 -11.71 -10.65
N LYS A 324 -19.61 -10.69 -10.40
CA LYS A 324 -19.64 -9.53 -11.27
C LYS A 324 -18.39 -8.67 -11.07
N SER A 325 -18.03 -7.93 -12.13
CA SER A 325 -16.74 -7.27 -12.21
C SER A 325 -16.78 -5.78 -11.86
N ASN A 326 -17.94 -5.23 -11.56
CA ASN A 326 -18.08 -3.81 -11.22
C ASN A 326 -18.49 -3.61 -9.76
N LEU A 327 -17.96 -4.44 -8.86
CA LEU A 327 -18.33 -4.31 -7.44
C LEU A 327 -18.01 -2.92 -6.92
N GLY A 328 -16.84 -2.39 -7.27
CA GLY A 328 -16.52 -1.04 -6.87
C GLY A 328 -17.53 -0.01 -7.35
N GLU A 329 -17.99 -0.15 -8.58
CA GLU A 329 -18.99 0.77 -9.11
C GLU A 329 -20.33 0.57 -8.42
N LEU A 330 -20.71 -0.67 -8.17
CA LEU A 330 -21.93 -0.94 -7.42
C LEU A 330 -21.87 -0.31 -6.03
N VAL A 331 -20.72 -0.41 -5.37
CA VAL A 331 -20.54 0.20 -4.05
C VAL A 331 -20.72 1.71 -4.14
N TYR A 332 -20.08 2.33 -5.14
CA TYR A 332 -20.21 3.77 -5.34
C TYR A 332 -21.66 4.19 -5.50
N LYS A 333 -22.42 3.48 -6.33
CA LYS A 333 -23.83 3.84 -6.53
C LYS A 333 -24.66 3.61 -5.28
N TYR A 334 -24.37 2.55 -4.54
CA TYR A 334 -25.03 2.32 -3.26
C TYR A 334 -24.76 3.48 -2.30
N MET A 335 -23.52 3.94 -2.23
CA MET A 335 -23.18 5.04 -1.34
C MET A 335 -23.88 6.32 -1.76
N GLU A 336 -24.02 6.54 -3.08
CA GLU A 336 -24.78 7.70 -3.54
C GLU A 336 -26.23 7.63 -3.05
N LYS A 337 -26.88 6.49 -3.27
CA LYS A 337 -28.28 6.32 -2.89
C LYS A 337 -28.47 6.57 -1.41
N LYS A 338 -27.52 6.14 -0.59
CA LYS A 338 -27.67 6.17 0.86
C LYS A 338 -27.10 7.43 1.49
N GLY A 339 -26.53 8.33 0.71
CA GLY A 339 -25.92 9.52 1.26
C GLY A 339 -24.66 9.26 2.05
N LEU A 340 -23.96 8.17 1.76
CA LEU A 340 -22.74 7.82 2.47
C LEU A 340 -21.56 8.49 1.79
N ARG A 341 -20.79 9.25 2.54
CA ARG A 341 -19.66 9.98 2.00
C ARG A 341 -18.39 9.17 2.19
N CYS A 342 -17.44 9.36 1.27
CA CYS A 342 -16.12 8.75 1.37
C CYS A 342 -15.06 9.84 1.35
N ARG A 343 -14.14 9.79 2.32
CA ARG A 343 -13.13 10.82 2.46
C ARG A 343 -11.73 10.23 2.50
N CYS A 344 -11.59 8.93 2.28
CA CYS A 344 -10.27 8.33 2.33
C CYS A 344 -9.44 8.82 1.14
N ILE A 345 -8.19 8.42 1.13
CA ILE A 345 -7.20 8.98 0.22
C ILE A 345 -7.62 8.77 -1.23
N ARG A 346 -7.99 7.56 -1.59
CA ARG A 346 -8.35 7.29 -2.98
C ARG A 346 -9.57 8.11 -3.38
N CYS A 347 -10.52 8.30 -2.47
CA CYS A 347 -11.73 9.05 -2.79
C CYS A 347 -11.44 10.53 -3.03
N ARG A 348 -10.44 11.08 -2.33
CA ARG A 348 -10.17 12.51 -2.40
C ARG A 348 -8.96 12.90 -3.23
N GLU A 349 -8.15 11.95 -3.70
CA GLU A 349 -6.92 12.32 -4.38
C GLU A 349 -7.24 13.07 -5.68
N VAL A 350 -6.38 14.03 -6.02
CA VAL A 350 -6.68 15.02 -7.04
C VAL A 350 -7.05 14.36 -8.37
N GLY A 351 -6.34 13.28 -8.74
CA GLY A 351 -6.59 12.65 -10.02
C GLY A 351 -7.94 11.95 -10.09
N HIS A 352 -8.34 11.32 -8.99
CA HIS A 352 -9.61 10.60 -8.97
C HIS A 352 -10.79 11.55 -8.94
N VAL A 353 -10.69 12.62 -8.14
CA VAL A 353 -11.75 13.63 -8.12
C VAL A 353 -11.96 14.23 -9.50
N TYR A 354 -10.87 14.57 -10.19
CA TYR A 354 -11.01 15.14 -11.52
C TYR A 354 -11.70 14.16 -12.46
N TYR A 355 -11.28 12.90 -12.43
CA TYR A 355 -11.89 11.89 -13.30
C TYR A 355 -13.36 11.67 -12.94
N LYS A 356 -13.68 11.68 -11.64
CA LYS A 356 -15.02 11.35 -11.21
C LYS A 356 -15.94 12.56 -11.27
N LYS A 357 -15.44 13.75 -10.95
CA LYS A 357 -16.30 14.94 -10.82
C LYS A 357 -15.88 16.12 -11.67
N GLY A 358 -14.76 16.04 -12.39
CA GLY A 358 -14.46 17.05 -13.38
C GLY A 358 -13.91 18.34 -12.81
N ILE A 359 -13.54 18.36 -11.53
CA ILE A 359 -13.07 19.61 -10.93
C ILE A 359 -11.62 19.43 -10.46
N LEU A 360 -10.96 20.57 -10.28
CA LEU A 360 -9.59 20.64 -9.84
C LEU A 360 -9.48 21.45 -8.57
N PRO A 361 -8.37 21.34 -7.85
CA PRO A 361 -8.21 22.08 -6.59
C PRO A 361 -8.38 23.58 -6.80
N ASP A 362 -9.02 24.22 -5.83
CA ASP A 362 -9.21 25.67 -5.81
C ASP A 362 -8.04 26.27 -5.02
N PRO A 363 -7.09 26.94 -5.68
CA PRO A 363 -5.88 27.39 -4.96
C PRO A 363 -6.17 28.40 -3.85
N GLU A 364 -7.29 29.12 -3.91
CA GLU A 364 -7.65 29.99 -2.80
C GLU A 364 -7.95 29.24 -1.51
N HIS A 365 -8.00 27.88 -1.56
CA HIS A 365 -8.42 27.13 -0.39
C HIS A 365 -7.53 25.93 -0.15
N ILE A 366 -6.31 25.94 -0.69
CA ILE A 366 -5.35 24.89 -0.40
C ILE A 366 -4.64 25.23 0.89
N LYS A 367 -4.62 24.27 1.82
CA LYS A 367 -4.01 24.47 3.12
C LYS A 367 -3.16 23.25 3.47
N LEU A 368 -2.19 23.47 4.35
CA LEU A 368 -1.48 22.37 5.01
C LEU A 368 -2.34 21.91 6.19
N VAL A 369 -2.75 20.65 6.18
CA VAL A 369 -3.63 20.10 7.21
C VAL A 369 -2.87 19.02 7.98
N ARG A 370 -3.24 18.84 9.25
CA ARG A 370 -2.60 17.85 10.10
C ARG A 370 -3.65 17.08 10.88
N GLU A 371 -3.42 15.78 11.02
CA GLU A 371 -4.29 14.90 11.78
C GLU A 371 -3.41 13.85 12.42
N ASP A 372 -3.50 13.73 13.75
CA ASP A 372 -2.71 12.79 14.53
C ASP A 372 -3.56 11.60 14.97
N TYR A 373 -2.93 10.45 15.19
CA TYR A 373 -3.64 9.32 15.80
C TYR A 373 -2.62 8.41 16.44
N GLU A 374 -3.10 7.66 17.44
CA GLU A 374 -2.29 6.66 18.11
C GLU A 374 -2.32 5.36 17.31
N ALA A 375 -1.16 4.75 17.15
CA ALA A 375 -1.04 3.53 16.36
C ALA A 375 0.16 2.73 16.84
N SER A 376 -0.08 1.48 17.22
CA SER A 376 1.00 0.56 17.59
C SER A 376 1.89 1.19 18.66
N GLY A 377 1.25 1.76 19.69
CA GLY A 377 1.96 2.29 20.82
C GLY A 377 2.61 3.64 20.59
N GLY A 378 2.54 4.18 19.38
CA GLY A 378 3.18 5.44 19.10
C GLY A 378 2.22 6.43 18.47
N THR A 379 2.77 7.51 17.91
CA THR A 379 1.96 8.57 17.32
C THR A 379 2.23 8.66 15.82
N GLU A 380 1.16 8.65 15.04
CA GLU A 380 1.20 8.91 13.61
C GLU A 380 0.71 10.33 13.39
N ILE A 381 1.48 11.10 12.64
CA ILE A 381 1.12 12.44 12.19
C ILE A 381 0.89 12.40 10.69
N PHE A 382 -0.32 12.70 10.27
CA PHE A 382 -0.69 12.66 8.86
C PHE A 382 -0.78 14.10 8.38
N LEU A 383 0.23 14.53 7.63
CA LEU A 383 0.29 15.87 7.06
C LEU A 383 -0.17 15.81 5.61
N SER A 384 -0.97 16.79 5.20
CA SER A 384 -1.47 16.81 3.83
C SER A 384 -1.60 18.24 3.34
N PHE A 385 -1.49 18.41 2.03
CA PHE A 385 -1.98 19.60 1.34
C PHE A 385 -3.33 19.27 0.72
N GLU A 386 -4.32 20.11 0.95
CA GLU A 386 -5.70 19.77 0.63
C GLU A 386 -6.44 21.06 0.29
N ASP A 387 -7.22 21.02 -0.78
CA ASP A 387 -8.31 21.97 -1.03
C ASP A 387 -9.40 21.67 0.01
N VAL A 388 -9.49 22.51 1.04
CA VAL A 388 -10.41 22.21 2.14
C VAL A 388 -11.81 22.70 1.86
N LYS A 389 -12.02 23.47 0.78
CA LYS A 389 -13.36 23.80 0.35
C LYS A 389 -13.99 22.63 -0.38
N ASN A 390 -13.26 22.06 -1.34
CA ASN A 390 -13.79 20.97 -2.17
C ASN A 390 -13.34 19.60 -1.70
N ASP A 391 -12.50 19.54 -0.66
CA ASP A 391 -12.00 18.29 -0.09
C ASP A 391 -11.26 17.47 -1.13
N ILE A 392 -10.18 18.06 -1.66
CA ILE A 392 -9.37 17.42 -2.70
C ILE A 392 -7.95 17.32 -2.16
N LEU A 393 -7.41 16.11 -2.14
CA LEU A 393 -6.12 15.81 -1.55
C LEU A 393 -5.06 15.88 -2.64
N ILE A 394 -4.02 16.67 -2.38
CA ILE A 394 -2.98 16.95 -3.36
C ILE A 394 -1.69 16.21 -3.04
N ALA A 395 -1.37 16.05 -1.75
CA ALA A 395 -0.13 15.42 -1.31
C ALA A 395 -0.25 15.10 0.17
N PHE A 396 0.54 14.12 0.63
CA PHE A 396 0.53 13.79 2.04
C PHE A 396 1.88 13.22 2.49
N LEU A 397 2.10 13.25 3.79
CA LEU A 397 3.32 12.73 4.41
C LEU A 397 2.94 12.03 5.70
N ARG A 398 3.43 10.81 5.85
CA ARG A 398 3.19 10.02 7.06
C ARG A 398 4.43 10.11 7.95
N LEU A 399 4.30 10.79 9.09
CA LEU A 399 5.34 10.99 10.09
C LEU A 399 4.99 10.23 11.36
N ARG A 400 5.95 9.50 11.91
CA ARG A 400 5.71 8.68 13.09
C ARG A 400 6.73 8.91 14.19
N ASP A 401 6.23 9.04 15.42
CA ASP A 401 7.04 8.97 16.62
C ASP A 401 7.02 7.51 17.05
N PRO A 402 8.12 6.77 16.92
CA PRO A 402 8.05 5.32 17.08
C PRO A 402 7.92 4.90 18.54
N TYR A 403 7.54 3.63 18.72
CA TYR A 403 7.19 3.09 20.02
C TYR A 403 8.35 2.23 20.53
N LYS A 404 8.62 1.11 19.87
CA LYS A 404 9.65 0.16 20.29
C LYS A 404 10.41 -0.30 19.05
N PRO A 405 11.19 0.59 18.45
CA PRO A 405 11.99 0.17 17.29
C PRO A 405 13.11 -0.77 17.70
N PHE A 406 13.53 -1.59 16.71
CA PHE A 406 14.68 -2.47 16.88
C PHE A 406 15.80 -2.18 15.90
N ARG A 407 15.53 -1.47 14.80
CA ARG A 407 16.57 -1.17 13.83
C ARG A 407 17.67 -0.34 14.47
N LYS A 408 18.93 -0.65 14.11
CA LYS A 408 20.07 0.03 14.70
C LYS A 408 20.07 1.52 14.43
N GLU A 409 19.43 1.95 13.34
CA GLU A 409 19.50 3.38 13.02
C GLU A 409 18.42 4.23 13.69
N ILE A 410 17.50 3.63 14.44
CA ILE A 410 16.36 4.36 15.02
C ILE A 410 16.61 4.53 16.51
N ASP A 411 16.86 5.77 16.95
CA ASP A 411 17.03 6.10 18.35
C ASP A 411 15.68 6.44 18.99
N ASP A 412 15.71 6.71 20.31
CA ASP A 412 14.57 7.35 20.97
C ASP A 412 14.58 8.87 20.76
N LYS A 413 15.46 9.36 19.89
CA LYS A 413 15.43 10.75 19.44
C LYS A 413 15.24 10.83 17.93
N THR A 414 14.55 9.83 17.34
CA THR A 414 14.35 9.73 15.90
C THR A 414 12.88 9.83 15.56
N MET A 415 12.54 10.67 14.56
CA MET A 415 11.24 10.59 13.90
C MET A 415 11.39 9.85 12.58
N LEU A 416 10.30 9.23 12.13
CA LEU A 416 10.28 8.44 10.90
C LEU A 416 9.32 9.05 9.89
N VAL A 417 9.83 9.36 8.70
CA VAL A 417 9.01 9.70 7.55
C VAL A 417 8.72 8.38 6.84
N ARG A 418 7.57 7.80 7.11
CA ARG A 418 7.18 6.53 6.51
C ARG A 418 6.71 6.66 5.07
N GLN A 419 6.22 7.82 4.65
CA GLN A 419 5.77 8.00 3.28
C GLN A 419 5.67 9.48 2.95
N LEU A 420 6.07 9.82 1.73
CA LEU A 420 5.80 11.13 1.13
C LEU A 420 5.23 10.85 -0.24
N HIS A 421 4.06 11.40 -0.53
CA HIS A 421 3.41 11.17 -1.82
C HIS A 421 2.80 12.48 -2.31
N VAL A 422 3.28 12.94 -3.46
CA VAL A 422 2.72 14.08 -4.18
C VAL A 422 2.07 13.51 -5.43
N PHE A 423 0.76 13.69 -5.56
CA PHE A 423 0.05 13.15 -6.72
C PHE A 423 0.50 13.89 -7.98
N GLY A 424 1.10 13.14 -8.92
CA GLY A 424 1.74 13.75 -10.07
C GLY A 424 1.02 13.50 -11.38
N TRP A 425 1.78 13.47 -12.49
CA TRP A 425 1.25 13.30 -13.84
C TRP A 425 0.14 12.26 -13.89
N GLU A 426 -0.96 12.62 -14.57
CA GLU A 426 -2.12 11.77 -14.69
C GLU A 426 -2.84 12.13 -15.99
N LYS A 427 -2.98 11.17 -16.91
CA LYS A 427 -3.68 11.39 -18.17
C LYS A 427 -5.08 10.77 -18.08
N ALA A 428 -6.09 11.61 -17.94
CA ALA A 428 -7.49 11.18 -17.95
C ALA A 428 -7.96 11.21 -19.40
N LEU A 429 -8.01 10.04 -20.04
CA LEU A 429 -8.47 9.97 -21.43
C LEU A 429 -9.91 10.46 -21.55
N THR A 430 -10.77 10.18 -20.55
CA THR A 430 -12.19 10.48 -20.63
C THR A 430 -12.58 11.89 -20.15
N ARG A 431 -11.62 12.75 -19.82
CA ARG A 431 -11.86 14.12 -19.36
C ARG A 431 -10.93 15.01 -20.18
N ASP A 432 -11.29 16.29 -20.35
CA ASP A 432 -10.67 16.97 -21.48
C ASP A 432 -9.50 17.90 -21.17
N ILE A 433 -9.23 18.24 -19.92
CA ILE A 433 -7.88 18.69 -19.60
C ILE A 433 -7.06 17.40 -19.47
N LYS A 434 -6.30 17.06 -20.49
CA LYS A 434 -5.66 15.74 -20.54
C LYS A 434 -4.57 15.62 -19.47
N GLU A 435 -3.52 16.42 -19.57
CA GLU A 435 -2.38 16.33 -18.66
C GLU A 435 -2.60 17.18 -17.41
N VAL A 436 -2.50 16.54 -16.24
CA VAL A 436 -2.58 17.25 -14.95
C VAL A 436 -1.50 16.70 -14.01
N SER A 437 -0.77 17.61 -13.33
CA SER A 437 0.29 17.23 -12.40
C SER A 437 0.39 18.26 -11.28
N TRP A 438 0.95 17.80 -10.14
CA TRP A 438 1.16 18.66 -8.97
C TRP A 438 2.54 18.49 -8.33
N GLN A 439 3.47 17.84 -9.00
CA GLN A 439 4.85 17.79 -8.53
C GLN A 439 5.64 18.95 -9.12
N HIS A 440 6.80 19.21 -8.53
CA HIS A 440 7.62 20.36 -8.88
C HIS A 440 6.89 21.68 -8.65
N MET A 441 5.87 21.64 -7.80
CA MET A 441 5.20 22.84 -7.32
C MET A 441 5.56 23.17 -5.88
N GLY A 442 6.42 22.38 -5.24
CA GLY A 442 6.88 22.66 -3.90
C GLY A 442 6.11 21.97 -2.79
N TYR A 443 5.11 21.15 -3.09
CA TYR A 443 4.33 20.54 -2.03
C TYR A 443 5.13 19.51 -1.26
N GLY A 444 5.93 18.70 -1.97
CA GLY A 444 6.74 17.71 -1.28
C GLY A 444 7.72 18.36 -0.32
N ARG A 445 8.40 19.39 -0.79
CA ARG A 445 9.41 20.07 0.03
C ARG A 445 8.76 20.79 1.20
N MET A 446 7.57 21.35 1.01
CA MET A 446 6.88 22.01 2.11
C MET A 446 6.41 20.99 3.15
N LEU A 447 5.97 19.81 2.72
CA LEU A 447 5.59 18.79 3.70
C LEU A 447 6.82 18.29 4.46
N MET A 448 7.95 18.09 3.78
CA MET A 448 9.16 17.68 4.44
C MET A 448 9.63 18.74 5.45
N LYS A 449 9.57 20.02 5.07
CA LYS A 449 9.98 21.07 5.99
C LYS A 449 9.09 21.08 7.24
N GLU A 450 7.78 20.93 7.05
CA GLU A 450 6.87 20.89 8.20
C GLU A 450 7.12 19.65 9.05
N ALA A 451 7.41 18.51 8.42
CA ALA A 451 7.74 17.31 9.19
C ALA A 451 9.00 17.53 10.03
N GLU A 452 10.03 18.13 9.45
CA GLU A 452 11.25 18.41 10.20
C GLU A 452 10.99 19.35 11.36
N ARG A 453 10.19 20.40 11.15
CA ARG A 453 9.89 21.34 12.21
C ARG A 453 9.12 20.67 13.35
N ILE A 454 8.11 19.89 13.00
CA ILE A 454 7.34 19.17 14.03
C ILE A 454 8.26 18.25 14.80
N ALA A 455 9.06 17.45 14.08
CA ALA A 455 9.96 16.50 14.71
C ALA A 455 10.84 17.19 15.74
N LYS A 456 11.41 18.33 15.35
CA LYS A 456 12.41 18.97 16.19
C LYS A 456 11.77 19.83 17.26
N GLU A 457 10.83 20.71 16.88
CA GLU A 457 10.32 21.70 17.81
C GLU A 457 9.25 21.13 18.73
N GLU A 458 8.40 20.24 18.21
CA GLU A 458 7.30 19.71 19.00
C GLU A 458 7.65 18.43 19.73
N PHE A 459 8.41 17.54 19.09
CA PHE A 459 8.75 16.26 19.70
C PHE A 459 10.18 16.19 20.19
N GLY A 460 10.97 17.24 20.00
CA GLY A 460 12.33 17.27 20.52
C GLY A 460 13.25 16.22 19.97
N LYS A 461 13.00 15.74 18.76
CA LYS A 461 13.86 14.73 18.16
C LYS A 461 15.07 15.39 17.50
N LYS A 462 16.10 14.58 17.29
CA LYS A 462 17.37 15.09 16.77
C LYS A 462 17.70 14.59 15.37
N LYS A 463 17.05 13.54 14.90
CA LYS A 463 17.28 13.06 13.54
C LYS A 463 15.98 12.52 12.98
N ILE A 464 15.88 12.57 11.66
CA ILE A 464 14.68 12.16 10.94
C ILE A 464 15.11 11.19 9.87
N LEU A 465 14.45 10.03 9.82
CA LEU A 465 14.77 8.97 8.88
C LEU A 465 13.62 8.78 7.91
N VAL A 466 13.94 8.76 6.62
CA VAL A 466 12.96 8.63 5.55
C VAL A 466 13.04 7.23 4.97
N THR A 467 11.91 6.54 4.92
CA THR A 467 11.79 5.29 4.17
C THR A 467 11.67 5.68 2.69
N SER A 468 12.68 5.34 1.90
CA SER A 468 12.78 5.82 0.54
C SER A 468 12.83 4.63 -0.41
N GLY A 469 12.03 4.70 -1.46
CA GLY A 469 12.24 3.81 -2.58
C GLY A 469 13.65 3.97 -3.13
N ILE A 470 14.21 2.86 -3.62
CA ILE A 470 15.54 2.90 -4.23
C ILE A 470 15.65 4.05 -5.22
N GLY A 471 14.63 4.21 -6.10
CA GLY A 471 14.63 5.22 -7.14
C GLY A 471 14.25 6.62 -6.69
N VAL A 472 13.99 6.81 -5.41
CA VAL A 472 13.65 8.11 -4.84
C VAL A 472 14.76 8.67 -3.95
N ARG A 473 15.80 7.88 -3.66
CA ARG A 473 16.86 8.35 -2.79
C ARG A 473 17.42 9.68 -3.27
N GLU A 474 17.56 9.84 -4.60
CA GLU A 474 18.11 11.08 -5.14
C GLU A 474 17.29 12.28 -4.70
N TYR A 475 15.96 12.14 -4.71
CA TYR A 475 15.10 13.25 -4.34
C TYR A 475 15.41 13.74 -2.92
N TYR A 476 15.58 12.81 -1.98
CA TYR A 476 15.93 13.17 -0.61
C TYR A 476 17.34 13.70 -0.49
N ARG A 477 18.28 13.23 -1.32
CA ARG A 477 19.61 13.83 -1.30
C ARG A 477 19.53 15.31 -1.61
N LYS A 478 18.69 15.69 -2.59
CA LYS A 478 18.53 17.09 -2.94
C LYS A 478 18.04 17.91 -1.75
N LEU A 479 17.32 17.27 -0.82
CA LEU A 479 16.82 17.94 0.38
C LEU A 479 17.79 17.84 1.56
N GLY A 480 19.03 17.43 1.32
CA GLY A 480 20.03 17.35 2.36
C GLY A 480 20.10 16.06 3.13
N TYR A 481 19.35 15.04 2.73
CA TYR A 481 19.41 13.74 3.39
C TYR A 481 20.57 12.91 2.83
N LYS A 482 21.07 12.00 3.67
CA LYS A 482 22.14 11.10 3.29
C LYS A 482 21.73 9.67 3.66
N ARG A 483 22.39 8.69 3.05
CA ARG A 483 22.10 7.30 3.40
C ARG A 483 22.47 7.04 4.84
N VAL A 484 21.54 6.50 5.61
CA VAL A 484 21.77 6.07 6.99
C VAL A 484 21.26 4.64 7.06
N GLY A 485 22.17 3.67 6.93
CA GLY A 485 21.75 2.28 6.91
C GLY A 485 20.81 2.04 5.75
N ALA A 486 19.60 1.61 6.06
CA ALA A 486 18.60 1.31 5.05
C ALA A 486 17.78 2.54 4.65
N TYR A 487 18.02 3.68 5.29
CA TYR A 487 17.16 4.84 5.14
C TYR A 487 17.93 6.02 4.55
N MET A 488 17.19 7.11 4.33
CA MET A 488 17.77 8.42 4.06
C MET A 488 17.52 9.26 5.31
N GLY A 489 18.59 9.82 5.88
CA GLY A 489 18.48 10.49 7.15
C GLY A 489 19.04 11.90 7.13
N LYS A 490 18.62 12.68 8.12
CA LYS A 490 19.11 14.03 8.29
C LYS A 490 19.13 14.36 9.79
N GLU A 491 20.23 14.95 10.23
CA GLU A 491 20.32 15.44 11.60
C GLU A 491 19.56 16.77 11.69
N LEU A 492 18.71 16.88 12.71
CA LEU A 492 17.92 18.09 12.90
C LEU A 492 18.65 19.07 13.82
#